data_4ZK5
#
_entry.id   4ZK5
#
_cell.length_a   79.352
_cell.length_b   89.335
_cell.length_c   91.011
_cell.angle_alpha   90.000
_cell.angle_beta   90.000
_cell.angle_gamma   90.000
#
_symmetry.space_group_name_H-M   'P 21 21 21'
#
loop_
_entity.id
_entity.type
_entity.pdbx_description
1 polymer 'Mitogen-activated protein kinase kinase kinase kinase 4'
2 non-polymer 'MAGNESIUM ION'
3 non-polymer '2-(N-MORPHOLINO)-ETHANESULFONIC ACID'
4 non-polymer 8-amino-N-[1-(cyclopropylcarbonyl)azetidin-3-yl]-2-(3-fluorophenyl)-1,7-naphthyridine-5-carboxamide
5 water water
#
_entity_poly.entity_id   1
_entity_poly.type   'polypeptide(L)'
_entity_poly.pdbx_seq_one_letter_code
;GSANDSPAKSLVDIDLSSLRDPAGIFELVEVVGNGTYGQVYKGRHVKTGQLAAIKVMDVTEDEEEEIKLEINMLKKYSHH
RNIATYYGAFIKKSPPGHDDQLWLVMEFCGAGSITDLVKNTKGNTLKEDWIAYISREILRGLAHLHIHHVIHRDIKGQNV
LLTENAEVKLVDFGVSAQLDRTVGRRNTFIGTPYWMAPEVIACDENPDATYDYRSDLWSCGITAIEMAEGAPPLCDMHPM
RALFLIPRNPPPRLKSKKWSKKFFSFIEGCLVKNYMQRPSTEQLLKHPFIRDQPNERQVRIQLKDHIDRTRKKRGEKDET
EYEYSGSEEGNS
;
_entity_poly.pdbx_strand_id   A,B
#
# COMPACT_ATOMS: atom_id res chain seq x y z
N SER A 18 -9.20 1.56 -26.33
CA SER A 18 -10.37 1.30 -27.17
C SER A 18 -10.48 -0.20 -27.51
N LEU A 19 -10.62 -1.04 -26.46
CA LEU A 19 -10.72 -2.51 -26.53
C LEU A 19 -12.20 -2.95 -26.54
N ARG A 20 -12.52 -4.12 -25.95
CA ARG A 20 -13.91 -4.62 -25.88
C ARG A 20 -14.32 -5.01 -24.44
N ASP A 21 -15.64 -5.19 -24.21
CA ASP A 21 -16.19 -5.54 -22.90
C ASP A 21 -15.90 -7.00 -22.53
N PRO A 22 -15.47 -7.27 -21.28
CA PRO A 22 -15.16 -8.66 -20.89
C PRO A 22 -16.35 -9.61 -20.71
N ALA A 23 -17.60 -9.07 -20.74
CA ALA A 23 -18.84 -9.85 -20.57
C ALA A 23 -18.95 -10.99 -21.58
N GLY A 24 -19.12 -12.21 -21.06
CA GLY A 24 -19.23 -13.43 -21.85
C GLY A 24 -17.90 -14.03 -22.27
N ILE A 25 -16.78 -13.32 -22.01
CA ILE A 25 -15.41 -13.74 -22.35
C ILE A 25 -14.64 -14.12 -21.08
N PHE A 26 -14.66 -13.22 -20.07
CA PHE A 26 -14.01 -13.42 -18.77
C PHE A 26 -14.88 -12.92 -17.63
N GLU A 27 -14.74 -13.55 -16.46
CA GLU A 27 -15.48 -13.19 -15.26
C GLU A 27 -14.62 -13.34 -14.01
N LEU A 28 -14.78 -12.39 -13.05
CA LEU A 28 -14.04 -12.41 -11.80
C LEU A 28 -14.65 -13.42 -10.84
N VAL A 29 -13.81 -14.10 -10.05
CA VAL A 29 -14.24 -15.08 -9.07
C VAL A 29 -13.98 -14.56 -7.63
N GLU A 30 -12.69 -14.23 -7.31
CA GLU A 30 -12.27 -13.74 -6.00
C GLU A 30 -10.90 -13.03 -6.05
N VAL A 31 -10.58 -12.21 -5.02
CA VAL A 31 -9.29 -11.52 -4.90
C VAL A 31 -8.28 -12.55 -4.39
N VAL A 32 -7.12 -12.67 -5.04
CA VAL A 32 -6.14 -13.71 -4.72
C VAL A 32 -5.33 -13.43 -3.43
N GLY A 33 -4.27 -12.63 -3.50
CA GLY A 33 -3.33 -12.38 -2.41
C GLY A 33 -3.77 -11.66 -1.16
N ASN A 34 -5.07 -11.68 -0.82
CA ASN A 34 -5.68 -11.04 0.36
C ASN A 34 -5.30 -9.54 0.55
N GLY A 35 -4.73 -8.93 -0.49
CA GLY A 35 -4.32 -7.53 -0.48
C GLY A 35 -2.95 -7.28 -1.07
N THR A 36 -2.00 -8.25 -0.91
CA THR A 36 -0.60 -8.23 -1.37
C THR A 36 -0.40 -7.59 -2.75
N TYR A 37 -1.21 -8.02 -3.73
CA TYR A 37 -1.15 -7.55 -5.12
C TYR A 37 -2.13 -6.43 -5.43
N GLY A 38 -3.08 -6.22 -4.52
CA GLY A 38 -4.12 -5.22 -4.66
C GLY A 38 -5.35 -5.79 -5.34
N GLN A 39 -5.86 -5.06 -6.33
CA GLN A 39 -7.06 -5.43 -7.08
C GLN A 39 -6.77 -6.47 -8.20
N VAL A 40 -6.15 -7.62 -7.80
CA VAL A 40 -5.82 -8.75 -8.68
C VAL A 40 -6.76 -9.92 -8.32
N TYR A 41 -7.54 -10.37 -9.32
CA TYR A 41 -8.54 -11.42 -9.17
C TYR A 41 -8.18 -12.72 -9.84
N LYS A 42 -8.79 -13.79 -9.33
CA LYS A 42 -8.78 -15.13 -9.89
C LYS A 42 -10.00 -15.04 -10.80
N GLY A 43 -9.75 -15.04 -12.09
CA GLY A 43 -10.78 -14.96 -13.12
C GLY A 43 -11.04 -16.30 -13.76
N ARG A 44 -11.94 -16.33 -14.75
CA ARG A 44 -12.36 -17.55 -15.45
C ARG A 44 -12.78 -17.25 -16.90
N HIS A 45 -12.22 -18.00 -17.87
CA HIS A 45 -12.55 -17.86 -19.29
C HIS A 45 -13.91 -18.52 -19.47
N VAL A 46 -14.98 -17.70 -19.45
CA VAL A 46 -16.40 -18.12 -19.50
C VAL A 46 -16.66 -19.37 -20.40
N LYS A 47 -16.19 -19.37 -21.66
CA LYS A 47 -16.43 -20.45 -22.61
C LYS A 47 -15.76 -21.80 -22.28
N THR A 48 -14.48 -21.79 -21.87
CA THR A 48 -13.73 -23.02 -21.56
C THR A 48 -13.76 -23.42 -20.08
N GLY A 49 -13.72 -22.42 -19.20
CA GLY A 49 -13.71 -22.58 -17.76
C GLY A 49 -12.30 -22.44 -17.20
N GLN A 50 -11.31 -22.28 -18.10
CA GLN A 50 -9.88 -22.14 -17.82
C GLN A 50 -9.63 -20.91 -16.97
N LEU A 51 -8.85 -21.07 -15.88
CA LEU A 51 -8.54 -19.97 -14.96
C LEU A 51 -7.54 -18.99 -15.56
N ALA A 52 -7.65 -17.71 -15.18
CA ALA A 52 -6.75 -16.64 -15.60
C ALA A 52 -6.68 -15.62 -14.47
N ALA A 53 -5.55 -14.89 -14.34
CA ALA A 53 -5.45 -13.84 -13.32
C ALA A 53 -5.76 -12.51 -13.97
N ILE A 54 -6.67 -11.73 -13.34
CA ILE A 54 -7.14 -10.46 -13.86
C ILE A 54 -6.76 -9.28 -12.96
N LYS A 55 -6.00 -8.31 -13.50
CA LYS A 55 -5.61 -7.09 -12.79
C LYS A 55 -6.63 -6.01 -13.17
N VAL A 56 -7.43 -5.57 -12.17
CA VAL A 56 -8.47 -4.57 -12.35
C VAL A 56 -8.00 -3.20 -11.86
N MET A 57 -7.99 -2.21 -12.76
CA MET A 57 -7.53 -0.86 -12.48
C MET A 57 -8.49 0.18 -13.04
N ASP A 58 -9.10 0.99 -12.13
CA ASP A 58 -10.03 2.05 -12.48
C ASP A 58 -9.33 3.14 -13.28
N VAL A 59 -9.71 3.29 -14.57
CA VAL A 59 -9.09 4.26 -15.46
C VAL A 59 -9.61 5.69 -15.17
N THR A 60 -8.79 6.47 -14.47
CA THR A 60 -9.06 7.86 -14.11
C THR A 60 -8.24 8.74 -15.06
N GLU A 61 -8.54 10.06 -15.10
CA GLU A 61 -7.84 11.03 -15.94
C GLU A 61 -6.35 11.16 -15.53
N ASP A 62 -6.06 11.00 -14.22
CA ASP A 62 -4.72 11.08 -13.62
C ASP A 62 -3.93 9.75 -13.65
N GLU A 63 -4.42 8.74 -14.39
CA GLU A 63 -3.80 7.41 -14.51
C GLU A 63 -3.97 6.81 -15.91
N GLU A 64 -4.17 7.65 -16.94
CA GLU A 64 -4.41 7.26 -18.34
C GLU A 64 -3.21 6.57 -19.02
N GLU A 65 -1.97 7.05 -18.82
CA GLU A 65 -0.79 6.46 -19.46
C GLU A 65 0.02 5.53 -18.53
N GLU A 66 -0.39 5.43 -17.25
CA GLU A 66 0.21 4.52 -16.27
C GLU A 66 -0.37 3.11 -16.44
N ILE A 67 -1.50 3.01 -17.18
CA ILE A 67 -2.24 1.77 -17.48
C ILE A 67 -1.98 1.30 -18.94
N LYS A 68 -1.90 2.25 -19.91
CA LYS A 68 -1.71 2.02 -21.34
C LYS A 68 -0.40 1.28 -21.66
N LEU A 69 0.71 1.68 -21.01
CA LEU A 69 2.01 1.06 -21.22
C LEU A 69 2.24 -0.17 -20.35
N GLU A 70 1.36 -0.41 -19.34
CA GLU A 70 1.43 -1.60 -18.50
C GLU A 70 0.92 -2.81 -19.29
N ILE A 71 0.05 -2.56 -20.29
CA ILE A 71 -0.50 -3.55 -21.21
C ILE A 71 0.59 -3.90 -22.25
N ASN A 72 1.25 -2.86 -22.82
CA ASN A 72 2.32 -2.97 -23.82
C ASN A 72 3.52 -3.79 -23.34
N MET A 73 3.85 -3.68 -22.02
CA MET A 73 4.94 -4.43 -21.41
C MET A 73 4.57 -5.89 -21.19
N LEU A 74 3.35 -6.15 -20.67
CA LEU A 74 2.89 -7.51 -20.43
C LEU A 74 2.83 -8.33 -21.72
N LYS A 75 2.28 -7.77 -22.83
CA LYS A 75 2.16 -8.49 -24.11
C LYS A 75 3.50 -8.84 -24.76
N LYS A 76 4.42 -7.88 -24.85
CA LYS A 76 5.72 -8.00 -25.50
C LYS A 76 6.72 -8.92 -24.79
N TYR A 77 6.83 -8.80 -23.45
CA TYR A 77 7.85 -9.51 -22.68
C TYR A 77 7.36 -10.78 -21.94
N SER A 78 6.06 -11.12 -22.01
CA SER A 78 5.54 -12.34 -21.36
C SER A 78 5.76 -13.61 -22.19
N HIS A 79 6.25 -13.48 -23.44
CA HIS A 79 6.56 -14.63 -24.30
C HIS A 79 7.90 -15.21 -23.87
N HIS A 80 7.88 -15.95 -22.75
CA HIS A 80 9.00 -16.64 -22.10
C HIS A 80 8.44 -17.51 -20.98
N ARG A 81 8.88 -18.78 -20.93
CA ARG A 81 8.46 -19.82 -19.98
C ARG A 81 8.55 -19.46 -18.49
N ASN A 82 9.37 -18.44 -18.13
CA ASN A 82 9.56 -18.01 -16.75
C ASN A 82 8.84 -16.67 -16.42
N ILE A 83 7.87 -16.28 -17.27
CA ILE A 83 7.04 -15.08 -17.10
C ILE A 83 5.58 -15.44 -17.41
N ALA A 84 4.65 -15.06 -16.48
CA ALA A 84 3.21 -15.32 -16.62
C ALA A 84 2.67 -14.62 -17.87
N THR A 85 2.29 -15.42 -18.88
CA THR A 85 1.80 -14.97 -20.20
C THR A 85 0.56 -14.07 -20.17
N TYR A 86 0.64 -12.94 -20.89
CA TYR A 86 -0.46 -12.00 -21.10
C TYR A 86 -1.46 -12.64 -22.07
N TYR A 87 -2.75 -12.54 -21.76
CA TYR A 87 -3.79 -13.07 -22.63
C TYR A 87 -4.40 -11.93 -23.46
N GLY A 88 -4.96 -10.93 -22.79
CA GLY A 88 -5.59 -9.78 -23.42
C GLY A 88 -6.04 -8.71 -22.45
N ALA A 89 -6.42 -7.53 -22.99
CA ALA A 89 -6.89 -6.40 -22.21
C ALA A 89 -8.34 -6.08 -22.54
N PHE A 90 -9.15 -5.77 -21.53
CA PHE A 90 -10.57 -5.44 -21.70
C PHE A 90 -10.97 -4.24 -20.86
N ILE A 91 -12.12 -3.63 -21.19
CA ILE A 91 -12.70 -2.49 -20.47
C ILE A 91 -14.18 -2.75 -20.20
N LYS A 92 -14.55 -2.79 -18.92
CA LYS A 92 -15.94 -2.97 -18.48
C LYS A 92 -16.49 -1.58 -18.26
N LYS A 93 -17.38 -1.11 -19.16
CA LYS A 93 -17.97 0.23 -19.10
C LYS A 93 -18.81 0.44 -17.84
N SER A 94 -18.60 1.59 -17.16
CA SER A 94 -19.29 1.92 -15.90
C SER A 94 -20.41 2.95 -16.12
N PRO A 95 -21.52 2.92 -15.32
CA PRO A 95 -22.59 3.91 -15.50
C PRO A 95 -22.14 5.37 -15.25
N PRO A 96 -22.79 6.39 -15.91
CA PRO A 96 -22.36 7.79 -15.68
C PRO A 96 -22.45 8.24 -14.22
N GLY A 97 -21.27 8.29 -13.59
CA GLY A 97 -21.08 8.65 -12.19
C GLY A 97 -19.88 7.93 -11.60
N HIS A 98 -19.14 7.17 -12.44
CA HIS A 98 -17.92 6.42 -12.05
C HIS A 98 -17.03 6.10 -13.27
N ASP A 99 -15.72 5.90 -13.02
CA ASP A 99 -14.71 5.57 -14.03
C ASP A 99 -14.82 4.12 -14.51
N ASP A 100 -14.36 3.86 -15.75
CA ASP A 100 -14.35 2.52 -16.35
C ASP A 100 -13.27 1.65 -15.69
N GLN A 101 -13.42 0.33 -15.78
CA GLN A 101 -12.46 -0.63 -15.24
C GLN A 101 -11.68 -1.33 -16.35
N LEU A 102 -10.34 -1.28 -16.27
CA LEU A 102 -9.47 -1.97 -17.22
C LEU A 102 -9.06 -3.30 -16.63
N TRP A 103 -9.35 -4.37 -17.38
CA TRP A 103 -9.06 -5.74 -17.00
C TRP A 103 -7.86 -6.21 -17.80
N LEU A 104 -6.80 -6.61 -17.09
CA LEU A 104 -5.58 -7.12 -17.68
C LEU A 104 -5.51 -8.60 -17.36
N VAL A 105 -5.72 -9.42 -18.39
CA VAL A 105 -5.79 -10.88 -18.26
C VAL A 105 -4.46 -11.54 -18.60
N MET A 106 -4.05 -12.50 -17.74
CA MET A 106 -2.82 -13.27 -17.89
C MET A 106 -3.02 -14.70 -17.38
N GLU A 107 -2.04 -15.58 -17.63
CA GLU A 107 -2.10 -16.97 -17.19
C GLU A 107 -2.16 -17.06 -15.67
N PHE A 108 -2.99 -17.98 -15.17
CA PHE A 108 -3.15 -18.19 -13.73
C PHE A 108 -2.11 -19.17 -13.25
N CYS A 109 -1.54 -18.96 -12.07
CA CYS A 109 -0.54 -19.83 -11.45
C CYS A 109 -1.17 -20.41 -10.18
N GLY A 110 -1.67 -21.64 -10.30
CA GLY A 110 -2.43 -22.37 -9.28
C GLY A 110 -1.73 -22.76 -8.00
N ALA A 111 -0.39 -22.87 -8.01
CA ALA A 111 0.34 -23.27 -6.80
C ALA A 111 0.67 -22.12 -5.83
N GLY A 112 0.54 -20.88 -6.31
CA GLY A 112 0.78 -19.69 -5.51
C GLY A 112 2.21 -19.18 -5.57
N SER A 113 2.53 -18.26 -4.63
CA SER A 113 3.84 -17.62 -4.53
C SER A 113 4.83 -18.42 -3.68
N ILE A 114 6.14 -18.16 -3.86
CA ILE A 114 7.16 -18.87 -3.08
C ILE A 114 7.22 -18.35 -1.61
N THR A 115 6.58 -17.20 -1.31
CA THR A 115 6.44 -16.65 0.05
C THR A 115 5.47 -17.59 0.77
N ASP A 116 4.39 -17.98 0.08
CA ASP A 116 3.38 -18.88 0.62
C ASP A 116 3.89 -20.31 0.75
N LEU A 117 4.81 -20.72 -0.16
CA LEU A 117 5.42 -22.05 -0.13
C LEU A 117 6.23 -22.22 1.15
N VAL A 118 7.13 -21.26 1.48
CA VAL A 118 7.93 -21.31 2.71
C VAL A 118 7.05 -21.27 3.96
N LYS A 119 5.99 -20.41 3.93
CA LYS A 119 5.01 -20.24 5.01
C LYS A 119 4.28 -21.54 5.31
N ASN A 120 4.13 -22.42 4.28
CA ASN A 120 3.47 -23.72 4.40
C ASN A 120 4.49 -24.88 4.23
N THR A 121 5.56 -24.82 5.02
CA THR A 121 6.63 -25.81 5.08
C THR A 121 7.13 -25.84 6.52
N LYS A 122 7.39 -27.04 7.08
CA LYS A 122 7.92 -27.17 8.43
C LYS A 122 9.29 -26.48 8.53
N GLY A 123 9.43 -25.66 9.56
CA GLY A 123 10.64 -24.89 9.82
C GLY A 123 10.79 -23.64 8.98
N ASN A 124 9.79 -23.34 8.11
CA ASN A 124 9.72 -22.20 7.19
C ASN A 124 11.03 -22.06 6.39
N THR A 125 11.51 -23.18 5.84
CA THR A 125 12.75 -23.27 5.08
C THR A 125 12.66 -24.31 3.98
N LEU A 126 13.23 -23.99 2.81
CA LEU A 126 13.25 -24.90 1.67
C LEU A 126 14.59 -25.59 1.57
N LYS A 127 14.64 -26.77 0.92
CA LYS A 127 15.85 -27.53 0.69
C LYS A 127 16.76 -26.69 -0.22
N GLU A 128 18.07 -26.72 0.03
CA GLU A 128 19.05 -25.94 -0.72
C GLU A 128 18.99 -26.16 -2.24
N ASP A 129 18.67 -27.38 -2.70
CA ASP A 129 18.54 -27.68 -4.13
C ASP A 129 17.25 -27.08 -4.72
N TRP A 130 16.19 -26.92 -3.87
CA TRP A 130 14.92 -26.30 -4.26
C TRP A 130 15.16 -24.82 -4.51
N ILE A 131 15.95 -24.18 -3.61
CA ILE A 131 16.34 -22.77 -3.69
C ILE A 131 17.17 -22.57 -4.97
N ALA A 132 18.07 -23.52 -5.28
CA ALA A 132 18.89 -23.51 -6.50
C ALA A 132 18.04 -23.56 -7.78
N TYR A 133 16.98 -24.39 -7.79
CA TYR A 133 16.08 -24.54 -8.93
C TYR A 133 15.26 -23.27 -9.14
N ILE A 134 14.59 -22.78 -8.08
CA ILE A 134 13.74 -21.59 -8.13
C ILE A 134 14.56 -20.33 -8.54
N SER A 135 15.73 -20.10 -7.87
CA SER A 135 16.61 -18.96 -8.15
C SER A 135 17.07 -18.93 -9.61
N ARG A 136 17.41 -20.11 -10.18
CA ARG A 136 17.82 -20.24 -11.58
C ARG A 136 16.67 -19.84 -12.51
N GLU A 137 15.43 -20.28 -12.20
CA GLU A 137 14.26 -19.94 -12.99
C GLU A 137 13.94 -18.44 -12.93
N ILE A 138 14.14 -17.80 -11.74
CA ILE A 138 13.96 -16.35 -11.54
C ILE A 138 14.98 -15.63 -12.43
N LEU A 139 16.26 -16.05 -12.34
CA LEU A 139 17.37 -15.50 -13.12
C LEU A 139 17.11 -15.63 -14.62
N ARG A 140 16.59 -16.79 -15.06
CA ARG A 140 16.25 -17.03 -16.47
C ARG A 140 15.16 -16.07 -16.96
N GLY A 141 14.16 -15.83 -16.11
CA GLY A 141 13.08 -14.88 -16.37
C GLY A 141 13.60 -13.47 -16.43
N LEU A 142 14.50 -13.10 -15.48
CA LEU A 142 15.14 -11.79 -15.41
C LEU A 142 16.05 -11.53 -16.61
N ALA A 143 16.76 -12.57 -17.08
CA ALA A 143 17.67 -12.50 -18.23
C ALA A 143 16.91 -12.08 -19.49
N HIS A 144 15.70 -12.63 -19.68
CA HIS A 144 14.82 -12.31 -20.81
C HIS A 144 14.38 -10.84 -20.78
N LEU A 145 14.07 -10.31 -19.59
CA LEU A 145 13.66 -8.91 -19.41
C LEU A 145 14.82 -7.96 -19.63
N HIS A 146 16.00 -8.30 -19.07
CA HIS A 146 17.21 -7.47 -19.14
C HIS A 146 17.74 -7.34 -20.56
N ILE A 147 17.76 -8.44 -21.34
CA ILE A 147 18.19 -8.44 -22.77
C ILE A 147 17.24 -7.53 -23.61
N HIS A 148 15.99 -7.38 -23.14
CA HIS A 148 14.91 -6.58 -23.72
C HIS A 148 14.85 -5.18 -23.06
N HIS A 149 15.92 -4.76 -22.35
CA HIS A 149 16.07 -3.45 -21.67
C HIS A 149 14.94 -3.14 -20.68
N VAL A 150 14.49 -4.16 -19.93
CA VAL A 150 13.40 -4.02 -18.96
C VAL A 150 13.84 -4.44 -17.54
N ILE A 151 13.71 -3.52 -16.57
CA ILE A 151 14.01 -3.80 -15.17
C ILE A 151 12.68 -4.19 -14.54
N HIS A 152 12.65 -5.26 -13.76
CA HIS A 152 11.42 -5.71 -13.11
C HIS A 152 11.03 -4.76 -11.97
N ARG A 153 12.02 -4.31 -11.17
CA ARG A 153 11.91 -3.37 -10.04
C ARG A 153 11.14 -3.93 -8.82
N ASP A 154 10.55 -5.14 -8.91
CA ASP A 154 9.83 -5.69 -7.75
C ASP A 154 9.98 -7.20 -7.57
N ILE A 155 11.22 -7.68 -7.53
CA ILE A 155 11.49 -9.10 -7.31
C ILE A 155 11.36 -9.39 -5.82
N LYS A 156 10.37 -10.18 -5.47
CA LYS A 156 10.06 -10.59 -4.11
C LYS A 156 9.30 -11.90 -4.21
N GLY A 157 9.39 -12.74 -3.18
CA GLY A 157 8.74 -14.04 -3.15
C GLY A 157 7.27 -14.04 -3.56
N GLN A 158 6.58 -12.92 -3.28
CA GLN A 158 5.17 -12.73 -3.63
C GLN A 158 4.99 -12.57 -5.14
N ASN A 159 5.97 -11.96 -5.83
CA ASN A 159 5.95 -11.75 -7.28
C ASN A 159 6.57 -12.91 -8.07
N VAL A 160 6.98 -13.98 -7.37
CA VAL A 160 7.53 -15.18 -7.99
C VAL A 160 6.54 -16.29 -7.73
N LEU A 161 5.86 -16.76 -8.79
CA LEU A 161 4.80 -17.76 -8.71
C LEU A 161 5.16 -19.14 -9.23
N LEU A 162 4.41 -20.15 -8.76
CA LEU A 162 4.51 -21.55 -9.14
C LEU A 162 3.19 -22.00 -9.77
N THR A 163 3.27 -22.97 -10.71
CA THR A 163 2.11 -23.55 -11.38
C THR A 163 1.88 -24.95 -10.78
N GLU A 164 0.76 -25.62 -11.13
CA GLU A 164 0.44 -26.97 -10.65
C GLU A 164 1.56 -28.00 -10.94
N ASN A 165 2.39 -27.81 -11.99
CA ASN A 165 3.49 -28.76 -12.23
C ASN A 165 4.87 -28.13 -12.01
N ALA A 166 5.00 -27.37 -10.89
CA ALA A 166 6.19 -26.70 -10.37
C ALA A 166 6.95 -25.79 -11.36
N GLU A 167 6.22 -25.11 -12.28
CA GLU A 167 6.86 -24.16 -13.19
C GLU A 167 6.96 -22.82 -12.47
N VAL A 168 8.15 -22.19 -12.50
CA VAL A 168 8.38 -20.90 -11.86
C VAL A 168 8.14 -19.78 -12.88
N LYS A 169 7.25 -18.83 -12.54
CA LYS A 169 6.89 -17.70 -13.41
C LYS A 169 6.88 -16.34 -12.70
N LEU A 170 7.51 -15.32 -13.32
CA LEU A 170 7.59 -13.95 -12.81
C LEU A 170 6.31 -13.17 -13.10
N VAL A 171 5.90 -12.35 -12.12
CA VAL A 171 4.67 -11.56 -12.22
C VAL A 171 4.89 -10.10 -11.76
N ASP A 172 3.95 -9.19 -12.11
CA ASP A 172 3.87 -7.76 -11.79
C ASP A 172 4.83 -6.87 -12.57
N PHE A 173 4.22 -6.03 -13.43
CA PHE A 173 4.88 -5.02 -14.23
C PHE A 173 4.33 -3.64 -13.83
N GLY A 174 3.74 -3.58 -12.62
CA GLY A 174 3.13 -2.39 -12.04
C GLY A 174 4.07 -1.25 -11.75
N VAL A 175 5.34 -1.59 -11.49
CA VAL A 175 6.41 -0.62 -11.19
C VAL A 175 7.66 -0.87 -12.07
N SER A 176 7.54 -1.73 -13.11
CA SER A 176 8.65 -2.09 -13.99
C SER A 176 9.10 -0.97 -14.94
N ALA A 177 10.43 -0.88 -15.18
CA ALA A 177 11.08 0.09 -16.06
C ALA A 177 12.17 -0.58 -16.88
N ASN A 187 0.83 3.25 -7.85
CA ASN A 187 1.88 4.07 -8.46
C ASN A 187 2.35 5.22 -7.57
N THR A 188 1.51 5.63 -6.57
CA THR A 188 1.87 6.71 -5.64
C THR A 188 2.32 6.17 -4.29
N PHE A 189 2.15 4.85 -4.06
CA PHE A 189 2.53 4.15 -2.83
C PHE A 189 3.94 3.60 -2.98
N ILE A 190 4.73 3.64 -1.89
CA ILE A 190 6.11 3.12 -1.93
C ILE A 190 6.14 1.56 -1.93
N GLY A 191 5.39 0.89 -1.06
CA GLY A 191 5.37 -0.57 -1.04
C GLY A 191 6.38 -1.13 -0.06
N THR A 192 6.47 -2.47 0.00
CA THR A 192 7.36 -3.17 0.91
C THR A 192 8.85 -2.91 0.54
N PRO A 193 9.69 -2.51 1.53
CA PRO A 193 11.08 -2.14 1.22
C PRO A 193 12.14 -3.22 1.31
N TYR A 194 11.86 -4.32 2.02
CA TYR A 194 12.78 -5.42 2.38
C TYR A 194 13.54 -6.09 1.21
N TRP A 195 13.01 -6.05 -0.02
CA TRP A 195 13.68 -6.65 -1.15
C TRP A 195 14.42 -5.62 -2.02
N MET A 196 14.28 -4.33 -1.71
CA MET A 196 14.89 -3.23 -2.46
C MET A 196 16.41 -3.18 -2.32
N ALA A 197 17.09 -2.89 -3.44
CA ALA A 197 18.55 -2.77 -3.49
C ALA A 197 18.98 -1.43 -2.90
N PRO A 198 20.22 -1.28 -2.35
CA PRO A 198 20.61 0.01 -1.77
C PRO A 198 20.46 1.23 -2.70
N GLU A 199 20.81 1.07 -3.99
CA GLU A 199 20.78 2.13 -5.01
C GLU A 199 19.36 2.62 -5.33
N VAL A 200 18.36 1.74 -5.18
CA VAL A 200 16.93 2.01 -5.41
C VAL A 200 16.44 3.07 -4.39
N ILE A 201 16.99 3.03 -3.17
CA ILE A 201 16.65 3.90 -2.05
C ILE A 201 17.51 5.16 -2.11
N ALA A 202 16.87 6.34 -2.25
CA ALA A 202 17.57 7.62 -2.36
C ALA A 202 18.09 8.11 -1.01
N CYS A 203 19.39 8.53 -1.00
CA CYS A 203 20.10 9.03 0.18
C CYS A 203 20.96 10.27 -0.16
N ASP A 204 21.78 10.77 0.79
CA ASP A 204 22.58 11.98 0.59
C ASP A 204 23.62 11.89 -0.54
N GLU A 205 24.35 10.76 -0.65
CA GLU A 205 25.32 10.55 -1.73
C GLU A 205 24.67 9.97 -3.00
N ASN A 206 23.41 9.50 -2.86
CA ASN A 206 22.61 8.95 -3.96
C ASN A 206 21.26 9.73 -4.03
N PRO A 207 21.27 11.03 -4.46
CA PRO A 207 20.02 11.81 -4.44
C PRO A 207 18.97 11.41 -5.47
N ASP A 208 19.40 10.94 -6.64
CA ASP A 208 18.47 10.58 -7.70
C ASP A 208 18.18 9.08 -7.82
N ALA A 209 18.73 8.27 -6.88
CA ALA A 209 18.55 6.82 -6.77
C ALA A 209 18.75 6.12 -8.11
N THR A 210 20.00 6.16 -8.61
CA THR A 210 20.42 5.62 -9.90
C THR A 210 20.08 4.12 -10.04
N TYR A 211 18.98 3.86 -10.79
CA TYR A 211 18.42 2.53 -11.07
C TYR A 211 19.24 1.79 -12.14
N ASP A 212 19.29 0.45 -12.01
CA ASP A 212 20.07 -0.43 -12.91
C ASP A 212 19.38 -1.79 -12.97
N TYR A 213 19.68 -2.60 -14.02
CA TYR A 213 19.13 -3.95 -14.18
C TYR A 213 19.57 -4.88 -13.05
N ARG A 214 20.77 -4.60 -12.49
CA ARG A 214 21.40 -5.33 -11.40
C ARG A 214 20.65 -5.20 -10.06
N SER A 215 19.74 -4.22 -9.94
CA SER A 215 18.90 -4.03 -8.75
C SER A 215 18.02 -5.26 -8.51
N ASP A 216 17.58 -5.91 -9.59
CA ASP A 216 16.76 -7.12 -9.57
C ASP A 216 17.55 -8.31 -9.00
N LEU A 217 18.89 -8.30 -9.21
CA LEU A 217 19.78 -9.35 -8.75
C LEU A 217 19.94 -9.31 -7.23
N TRP A 218 19.97 -8.09 -6.64
CA TRP A 218 20.00 -7.92 -5.18
C TRP A 218 18.68 -8.49 -4.63
N SER A 219 17.56 -8.14 -5.29
CA SER A 219 16.21 -8.59 -4.94
C SER A 219 16.11 -10.12 -5.03
N CYS A 220 16.76 -10.71 -6.05
CA CYS A 220 16.82 -12.16 -6.26
C CYS A 220 17.58 -12.86 -5.10
N GLY A 221 18.64 -12.22 -4.60
CA GLY A 221 19.42 -12.71 -3.48
C GLY A 221 18.67 -12.64 -2.17
N ILE A 222 17.84 -11.59 -2.00
CA ILE A 222 17.00 -11.43 -0.81
C ILE A 222 15.90 -12.50 -0.84
N THR A 223 15.40 -12.85 -2.05
CA THR A 223 14.39 -13.89 -2.27
C THR A 223 14.96 -15.25 -1.87
N ALA A 224 16.27 -15.46 -2.14
CA ALA A 224 16.96 -16.69 -1.78
C ALA A 224 17.08 -16.82 -0.25
N ILE A 225 17.31 -15.69 0.46
CA ILE A 225 17.35 -15.67 1.93
C ILE A 225 15.94 -15.93 2.45
N GLU A 226 14.94 -15.38 1.74
CA GLU A 226 13.52 -15.55 2.04
C GLU A 226 13.13 -17.03 1.96
N MET A 227 13.64 -17.76 0.94
CA MET A 227 13.38 -19.19 0.73
C MET A 227 14.10 -20.05 1.79
N ALA A 228 15.27 -19.57 2.24
CA ALA A 228 16.11 -20.26 3.20
C ALA A 228 15.72 -20.02 4.67
N GLU A 229 15.10 -18.87 4.98
CA GLU A 229 14.75 -18.51 6.35
C GLU A 229 13.25 -18.26 6.60
N GLY A 230 12.45 -18.15 5.54
CA GLY A 230 11.01 -17.94 5.66
C GLY A 230 10.57 -16.49 5.70
N ALA A 231 11.54 -15.56 5.74
CA ALA A 231 11.33 -14.11 5.75
C ALA A 231 12.59 -13.38 5.27
N PRO A 232 12.46 -12.18 4.66
CA PRO A 232 13.67 -11.46 4.20
C PRO A 232 14.47 -10.84 5.37
N PRO A 233 15.75 -10.42 5.19
CA PRO A 233 16.47 -9.77 6.29
C PRO A 233 15.78 -8.48 6.72
N LEU A 234 15.83 -8.16 8.03
CA LEU A 234 15.22 -6.98 8.68
C LEU A 234 13.68 -7.01 8.73
N CYS A 235 13.06 -8.20 8.54
CA CYS A 235 11.60 -8.41 8.57
C CYS A 235 10.97 -7.92 9.89
N ASP A 236 11.66 -8.20 11.02
CA ASP A 236 11.29 -7.84 12.39
C ASP A 236 11.35 -6.33 12.68
N MET A 237 11.54 -5.50 11.65
CA MET A 237 11.65 -4.05 11.78
C MET A 237 10.54 -3.28 11.07
N HIS A 238 10.36 -2.01 11.45
CA HIS A 238 9.38 -1.12 10.83
C HIS A 238 9.88 -0.84 9.40
N PRO A 239 8.99 -0.87 8.38
CA PRO A 239 9.43 -0.65 7.00
C PRO A 239 10.26 0.62 6.76
N MET A 240 9.99 1.70 7.53
CA MET A 240 10.71 2.96 7.41
C MET A 240 12.15 2.83 7.95
N ARG A 241 12.34 2.03 9.01
CA ARG A 241 13.66 1.77 9.61
C ARG A 241 14.48 0.83 8.69
N ALA A 242 13.81 -0.17 8.08
CA ALA A 242 14.42 -1.11 7.13
C ALA A 242 14.93 -0.34 5.92
N LEU A 243 14.10 0.57 5.38
CA LEU A 243 14.43 1.44 4.24
C LEU A 243 15.64 2.33 4.56
N PHE A 244 15.79 2.72 5.82
CA PHE A 244 16.92 3.52 6.30
C PHE A 244 18.18 2.65 6.43
N LEU A 245 18.03 1.41 6.92
CA LEU A 245 19.18 0.52 7.16
C LEU A 245 19.75 -0.15 5.92
N ILE A 246 18.92 -0.58 4.94
CA ILE A 246 19.39 -1.25 3.72
C ILE A 246 20.62 -0.53 3.09
N PRO A 247 20.60 0.81 2.83
CA PRO A 247 21.80 1.43 2.21
C PRO A 247 22.99 1.66 3.15
N ARG A 248 22.80 1.47 4.47
CA ARG A 248 23.85 1.67 5.48
C ARG A 248 24.47 0.36 5.97
N ASN A 249 23.63 -0.64 6.25
CA ASN A 249 24.03 -1.96 6.74
C ASN A 249 24.89 -2.77 5.77
N PRO A 250 25.87 -3.57 6.26
CA PRO A 250 26.67 -4.41 5.35
C PRO A 250 25.79 -5.43 4.60
N PRO A 251 26.29 -6.09 3.50
CA PRO A 251 25.43 -7.05 2.81
C PRO A 251 24.85 -8.12 3.73
N PRO A 252 23.53 -8.39 3.66
CA PRO A 252 22.94 -9.42 4.53
C PRO A 252 23.56 -10.80 4.33
N ARG A 253 23.60 -11.58 5.41
CA ARG A 253 24.18 -12.93 5.46
C ARG A 253 23.12 -13.93 5.93
N LEU A 254 23.32 -15.24 5.63
CA LEU A 254 22.43 -16.29 6.10
C LEU A 254 22.76 -16.57 7.56
N LYS A 255 21.73 -16.70 8.43
CA LYS A 255 21.87 -16.94 9.87
C LYS A 255 22.56 -18.28 10.17
N SER A 256 22.07 -19.37 9.56
CA SER A 256 22.56 -20.73 9.75
C SER A 256 23.87 -21.02 8.99
N LYS A 257 24.72 -21.87 9.60
CA LYS A 257 26.01 -22.29 9.05
C LYS A 257 25.88 -23.59 8.24
N LYS A 258 24.70 -24.24 8.30
CA LYS A 258 24.36 -25.50 7.61
C LYS A 258 24.52 -25.44 6.09
N TRP A 259 24.25 -24.27 5.49
CA TRP A 259 24.29 -24.04 4.04
C TRP A 259 25.67 -24.29 3.42
N SER A 260 25.68 -24.69 2.15
CA SER A 260 26.88 -25.00 1.39
C SER A 260 27.67 -23.75 1.05
N LYS A 261 28.98 -23.92 0.77
CA LYS A 261 29.86 -22.84 0.39
C LYS A 261 29.41 -22.21 -0.94
N LYS A 262 28.74 -23.00 -1.80
CA LYS A 262 28.18 -22.57 -3.08
C LYS A 262 27.03 -21.59 -2.84
N PHE A 263 26.16 -21.87 -1.84
CA PHE A 263 25.01 -21.04 -1.49
C PHE A 263 25.43 -19.72 -0.90
N PHE A 264 26.42 -19.72 0.02
CA PHE A 264 26.94 -18.49 0.62
C PHE A 264 27.56 -17.58 -0.44
N SER A 265 28.29 -18.18 -1.42
CA SER A 265 28.93 -17.48 -2.53
C SER A 265 27.89 -16.82 -3.44
N PHE A 266 26.75 -17.50 -3.68
CA PHE A 266 25.64 -17.01 -4.50
C PHE A 266 24.99 -15.80 -3.82
N ILE A 267 24.69 -15.90 -2.49
CA ILE A 267 24.12 -14.82 -1.69
C ILE A 267 25.06 -13.61 -1.76
N GLU A 268 26.38 -13.85 -1.55
CA GLU A 268 27.46 -12.86 -1.62
C GLU A 268 27.46 -12.21 -3.00
N GLY A 269 27.33 -13.03 -4.06
CA GLY A 269 27.29 -12.60 -5.45
C GLY A 269 26.12 -11.69 -5.75
N CYS A 270 24.94 -12.05 -5.26
CA CYS A 270 23.72 -11.27 -5.45
C CYS A 270 23.73 -9.99 -4.63
N LEU A 271 24.16 -10.07 -3.36
CA LEU A 271 24.13 -8.95 -2.44
C LEU A 271 25.45 -8.17 -2.36
N VAL A 272 25.87 -7.60 -3.49
CA VAL A 272 27.05 -6.76 -3.54
C VAL A 272 26.51 -5.35 -3.30
N LYS A 273 26.88 -4.70 -2.16
CA LYS A 273 26.37 -3.37 -1.79
C LYS A 273 26.39 -2.37 -2.94
N ASN A 274 27.57 -2.17 -3.57
CA ASN A 274 27.74 -1.26 -4.71
C ASN A 274 27.34 -2.00 -5.98
N TYR A 275 26.26 -1.52 -6.64
CA TYR A 275 25.73 -2.12 -7.87
C TYR A 275 26.75 -2.13 -9.02
N MET A 276 27.72 -1.17 -9.01
CA MET A 276 28.78 -1.03 -10.01
C MET A 276 29.68 -2.26 -10.07
N GLN A 277 29.87 -2.99 -8.96
CA GLN A 277 30.68 -4.21 -8.99
C GLN A 277 29.85 -5.48 -8.72
N ARG A 278 28.52 -5.37 -8.87
CA ARG A 278 27.61 -6.51 -8.72
C ARG A 278 27.63 -7.29 -10.06
N PRO A 279 27.65 -8.64 -10.06
CA PRO A 279 27.68 -9.38 -11.34
C PRO A 279 26.39 -9.26 -12.13
N SER A 280 26.45 -9.51 -13.45
CA SER A 280 25.29 -9.47 -14.34
C SER A 280 24.44 -10.73 -14.16
N THR A 281 23.24 -10.75 -14.77
CA THR A 281 22.33 -11.90 -14.74
C THR A 281 23.00 -13.10 -15.38
N GLU A 282 23.78 -12.87 -16.48
CA GLU A 282 24.52 -13.92 -17.20
C GLU A 282 25.63 -14.49 -16.35
N GLN A 283 26.38 -13.63 -15.62
CA GLN A 283 27.46 -14.03 -14.71
C GLN A 283 26.90 -14.87 -13.55
N LEU A 284 25.72 -14.46 -13.01
CA LEU A 284 25.05 -15.19 -11.92
C LEU A 284 24.43 -16.51 -12.39
N LEU A 285 24.08 -16.63 -13.69
CA LEU A 285 23.54 -17.87 -14.27
C LEU A 285 24.64 -18.92 -14.41
N LYS A 286 25.90 -18.46 -14.51
CA LYS A 286 27.10 -19.30 -14.61
C LYS A 286 27.67 -19.64 -13.21
N HIS A 287 27.08 -19.11 -12.12
CA HIS A 287 27.53 -19.38 -10.75
C HIS A 287 27.28 -20.86 -10.43
N PRO A 288 28.27 -21.55 -9.80
CA PRO A 288 28.10 -22.99 -9.50
C PRO A 288 26.79 -23.38 -8.82
N PHE A 289 26.25 -22.52 -7.93
CA PHE A 289 24.98 -22.79 -7.24
C PHE A 289 23.78 -22.85 -8.22
N ILE A 290 23.86 -22.11 -9.35
CA ILE A 290 22.82 -22.02 -10.39
C ILE A 290 23.10 -22.98 -11.55
N ARG A 291 24.36 -23.00 -12.03
CA ARG A 291 24.86 -23.82 -13.13
C ARG A 291 24.90 -25.31 -12.80
N ASP A 292 25.53 -25.70 -11.67
CA ASP A 292 25.66 -27.10 -11.24
C ASP A 292 24.42 -27.57 -10.46
N GLN A 293 23.45 -28.19 -11.17
CA GLN A 293 22.22 -28.72 -10.60
C GLN A 293 22.00 -30.20 -11.00
N PRO A 294 22.63 -31.16 -10.27
CA PRO A 294 22.49 -32.58 -10.65
C PRO A 294 21.12 -33.20 -10.37
N ASN A 295 20.39 -32.69 -9.36
CA ASN A 295 19.08 -33.22 -8.95
C ASN A 295 17.88 -32.48 -9.58
N GLU A 296 18.14 -31.73 -10.68
CA GLU A 296 17.17 -30.93 -11.43
C GLU A 296 15.79 -31.60 -11.65
N ARG A 297 15.80 -32.85 -12.16
CA ARG A 297 14.61 -33.68 -12.42
C ARG A 297 13.91 -34.06 -11.11
N GLN A 298 14.68 -34.54 -10.13
CA GLN A 298 14.22 -35.02 -8.82
C GLN A 298 13.60 -33.89 -7.98
N VAL A 299 14.17 -32.68 -8.06
CA VAL A 299 13.71 -31.47 -7.35
C VAL A 299 12.36 -31.03 -7.95
N ARG A 300 12.23 -31.11 -9.29
CA ARG A 300 11.01 -30.75 -10.03
C ARG A 300 9.83 -31.64 -9.59
N ILE A 301 10.10 -32.94 -9.33
CA ILE A 301 9.12 -33.92 -8.85
C ILE A 301 8.81 -33.66 -7.37
N GLN A 302 9.86 -33.39 -6.55
CA GLN A 302 9.74 -33.07 -5.12
C GLN A 302 8.86 -31.84 -4.88
N LEU A 303 8.99 -30.81 -5.74
CA LEU A 303 8.19 -29.58 -5.69
C LEU A 303 6.76 -29.85 -6.12
N LYS A 304 6.56 -30.72 -7.14
CA LYS A 304 5.25 -31.12 -7.64
C LYS A 304 4.48 -31.87 -6.54
N ASP A 305 5.19 -32.74 -5.78
CA ASP A 305 4.63 -33.52 -4.67
C ASP A 305 4.18 -32.60 -3.54
N HIS A 306 5.00 -31.59 -3.21
CA HIS A 306 4.73 -30.59 -2.16
C HIS A 306 3.48 -29.75 -2.43
N ILE A 307 3.21 -29.43 -3.71
CA ILE A 307 2.04 -28.65 -4.14
C ILE A 307 0.74 -29.44 -3.89
N ASP A 308 0.73 -30.74 -4.29
CA ASP A 308 -0.41 -31.63 -4.14
C ASP A 308 -0.78 -31.86 -2.67
N ARG A 309 0.25 -32.10 -1.82
CA ARG A 309 0.14 -32.33 -0.37
C ARG A 309 -0.50 -31.17 0.39
N THR A 310 -0.20 -29.94 -0.04
CA THR A 310 -0.70 -28.69 0.55
C THR A 310 -2.15 -28.44 0.13
N ARG A 311 -2.48 -28.76 -1.15
CA ARG A 311 -3.81 -28.61 -1.75
C ARG A 311 -4.88 -29.44 -1.00
N LYS A 312 -4.48 -30.65 -0.54
CA LYS A 312 -5.33 -31.59 0.20
C LYS A 312 -4.77 -31.89 1.60
N ILE B 14 -22.58 -2.37 23.43
CA ILE B 14 -21.49 -1.96 22.55
C ILE B 14 -20.17 -1.94 23.34
N ASP B 15 -19.14 -2.67 22.87
CA ASP B 15 -17.84 -2.74 23.54
C ASP B 15 -16.65 -2.57 22.58
N LEU B 16 -15.63 -1.81 23.04
CA LEU B 16 -14.41 -1.50 22.29
C LEU B 16 -13.21 -2.32 22.76
N SER B 17 -13.28 -2.86 24.01
CA SER B 17 -12.23 -3.67 24.63
C SER B 17 -12.38 -5.18 24.36
N SER B 18 -13.38 -5.58 23.56
CA SER B 18 -13.65 -6.99 23.21
C SER B 18 -13.43 -7.32 21.73
N LEU B 19 -13.56 -8.61 21.36
CA LEU B 19 -13.38 -9.13 20.00
C LEU B 19 -14.49 -10.17 19.68
N ARG B 20 -15.75 -9.69 19.74
CA ARG B 20 -16.97 -10.47 19.51
C ARG B 20 -17.20 -10.79 18.04
N ASP B 21 -18.13 -11.73 17.75
CA ASP B 21 -18.55 -12.08 16.39
C ASP B 21 -19.55 -11.00 15.97
N PRO B 22 -19.49 -10.44 14.74
CA PRO B 22 -20.42 -9.35 14.40
C PRO B 22 -21.89 -9.74 14.23
N ALA B 23 -22.19 -11.07 14.23
CA ALA B 23 -23.55 -11.61 14.07
C ALA B 23 -24.51 -11.08 15.12
N GLY B 24 -25.61 -10.48 14.64
CA GLY B 24 -26.65 -9.89 15.47
C GLY B 24 -26.36 -8.47 15.92
N ILE B 25 -25.14 -7.97 15.64
CA ILE B 25 -24.68 -6.63 16.01
C ILE B 25 -24.56 -5.76 14.75
N PHE B 26 -23.84 -6.25 13.73
CA PHE B 26 -23.63 -5.56 12.46
C PHE B 26 -23.72 -6.52 11.28
N GLU B 27 -24.13 -5.99 10.12
CA GLU B 27 -24.26 -6.76 8.88
C GLU B 27 -23.88 -5.91 7.67
N LEU B 28 -23.21 -6.50 6.69
CA LEU B 28 -22.79 -5.80 5.46
C LEU B 28 -23.98 -5.68 4.51
N VAL B 29 -24.06 -4.56 3.79
CA VAL B 29 -25.15 -4.29 2.85
C VAL B 29 -24.64 -4.30 1.40
N GLU B 30 -23.64 -3.46 1.08
CA GLU B 30 -23.08 -3.31 -0.29
C GLU B 30 -21.66 -2.72 -0.30
N VAL B 31 -20.93 -2.90 -1.43
CA VAL B 31 -19.58 -2.37 -1.64
C VAL B 31 -19.66 -0.86 -1.89
N VAL B 32 -18.76 -0.07 -1.25
CA VAL B 32 -18.63 1.39 -1.39
C VAL B 32 -17.19 1.72 -1.80
N GLY B 38 -8.87 -5.09 2.28
CA GLY B 38 -9.06 -3.99 3.23
C GLY B 38 -10.04 -2.92 2.77
N GLN B 39 -10.99 -3.28 1.90
CA GLN B 39 -12.00 -2.36 1.36
C GLN B 39 -13.07 -2.00 2.39
N VAL B 40 -13.65 -0.80 2.24
CA VAL B 40 -14.70 -0.30 3.13
C VAL B 40 -16.07 -0.54 2.49
N TYR B 41 -16.94 -1.28 3.19
CA TYR B 41 -18.29 -1.65 2.72
C TYR B 41 -19.37 -0.99 3.56
N LYS B 42 -20.50 -0.66 2.92
CA LYS B 42 -21.68 -0.06 3.55
C LYS B 42 -22.33 -1.13 4.40
N GLY B 43 -22.42 -0.87 5.70
CA GLY B 43 -22.99 -1.79 6.68
C GLY B 43 -24.29 -1.30 7.27
N ARG B 44 -24.69 -1.89 8.42
CA ARG B 44 -25.92 -1.57 9.15
C ARG B 44 -25.92 -2.16 10.56
N HIS B 45 -26.47 -1.42 11.54
CA HIS B 45 -26.63 -1.91 12.91
C HIS B 45 -27.88 -2.81 12.89
N VAL B 46 -27.71 -4.11 13.16
CA VAL B 46 -28.76 -5.14 13.15
C VAL B 46 -30.00 -4.73 13.99
N LYS B 47 -29.77 -4.07 15.13
CA LYS B 47 -30.83 -3.64 16.03
C LYS B 47 -31.50 -2.32 15.64
N THR B 48 -30.76 -1.27 15.27
CA THR B 48 -31.37 0.02 14.97
C THR B 48 -31.63 0.26 13.47
N GLY B 49 -30.72 -0.20 12.62
CA GLY B 49 -30.80 0.00 11.18
C GLY B 49 -29.90 1.14 10.72
N GLN B 50 -29.17 1.73 11.70
CA GLN B 50 -28.21 2.82 11.56
C GLN B 50 -27.11 2.44 10.57
N LEU B 51 -26.82 3.32 9.59
CA LEU B 51 -25.78 3.10 8.58
C LEU B 51 -24.39 3.15 9.19
N ALA B 52 -23.52 2.23 8.74
CA ALA B 52 -22.14 2.10 9.20
C ALA B 52 -21.16 1.88 8.05
N ALA B 53 -19.88 2.23 8.27
CA ALA B 53 -18.80 2.02 7.31
C ALA B 53 -17.92 0.93 7.93
N ILE B 54 -17.91 -0.26 7.31
CA ILE B 54 -17.17 -1.42 7.83
C ILE B 54 -15.97 -1.76 6.93
N LYS B 55 -14.76 -1.73 7.51
CA LYS B 55 -13.52 -2.08 6.82
C LYS B 55 -13.24 -3.55 7.08
N VAL B 56 -13.32 -4.38 6.03
CA VAL B 56 -13.12 -5.83 6.13
C VAL B 56 -11.71 -6.22 5.66
N MET B 57 -10.94 -6.87 6.55
CA MET B 57 -9.58 -7.33 6.30
C MET B 57 -9.41 -8.80 6.66
N ASP B 58 -8.74 -9.58 5.79
CA ASP B 58 -8.49 -10.99 6.06
C ASP B 58 -7.24 -11.14 6.93
N VAL B 59 -7.44 -11.57 8.19
CA VAL B 59 -6.37 -11.73 9.18
C VAL B 59 -6.11 -13.18 9.55
N THR B 60 -4.82 -13.56 9.67
CA THR B 60 -4.40 -14.90 10.06
C THR B 60 -4.60 -15.07 11.58
N GLU B 61 -4.55 -16.32 12.05
CA GLU B 61 -4.69 -16.68 13.47
C GLU B 61 -3.70 -15.93 14.38
N ASP B 62 -2.46 -15.72 13.89
CA ASP B 62 -1.40 -14.99 14.60
C ASP B 62 -1.69 -13.49 14.62
N GLU B 63 -2.28 -12.95 13.52
CA GLU B 63 -2.67 -11.54 13.40
C GLU B 63 -3.84 -11.22 14.35
N GLU B 64 -4.68 -12.22 14.67
CA GLU B 64 -5.81 -12.10 15.60
C GLU B 64 -5.32 -11.86 17.03
N GLU B 65 -4.13 -12.40 17.36
CA GLU B 65 -3.49 -12.21 18.66
C GLU B 65 -2.86 -10.82 18.79
N GLU B 66 -2.38 -10.27 17.67
CA GLU B 66 -1.80 -8.93 17.57
C GLU B 66 -2.90 -7.89 17.81
N ILE B 67 -4.14 -8.20 17.36
CA ILE B 67 -5.34 -7.38 17.53
C ILE B 67 -5.75 -7.38 19.01
N LYS B 68 -5.68 -8.55 19.68
CA LYS B 68 -5.99 -8.73 21.10
C LYS B 68 -5.04 -7.91 21.98
N LEU B 69 -3.77 -7.76 21.53
CA LEU B 69 -2.76 -6.97 22.23
C LEU B 69 -3.03 -5.49 22.01
N GLU B 70 -3.23 -5.09 20.74
CA GLU B 70 -3.47 -3.70 20.35
C GLU B 70 -4.80 -3.16 20.87
N ILE B 71 -5.78 -4.04 21.17
CA ILE B 71 -7.05 -3.64 21.77
C ILE B 71 -6.78 -3.09 23.18
N ASN B 72 -5.74 -3.64 23.88
CA ASN B 72 -5.31 -3.18 25.20
C ASN B 72 -4.57 -1.85 25.09
N MET B 73 -3.97 -1.57 23.91
CA MET B 73 -3.23 -0.34 23.65
C MET B 73 -4.18 0.85 23.37
N LEU B 74 -5.47 0.58 23.09
CA LEU B 74 -6.50 1.60 22.81
C LEU B 74 -6.74 2.53 23.98
N LYS B 75 -6.77 3.84 23.69
CA LYS B 75 -7.04 4.91 24.63
C LYS B 75 -8.54 5.22 24.50
N LYS B 76 -9.23 5.44 25.62
CA LYS B 76 -10.66 5.73 25.62
C LYS B 76 -10.92 7.23 25.44
N TYR B 77 -11.88 7.56 24.56
CA TYR B 77 -12.32 8.92 24.26
C TYR B 77 -13.73 8.94 23.75
N SER B 78 -14.49 9.99 24.11
CA SER B 78 -15.89 10.20 23.75
C SER B 78 -16.12 10.43 22.26
N HIS B 79 -17.40 10.63 21.87
CA HIS B 79 -17.83 10.92 20.50
C HIS B 79 -17.48 12.39 20.23
N HIS B 80 -17.39 12.76 18.94
CA HIS B 80 -17.10 14.15 18.55
C HIS B 80 -17.75 14.47 17.22
N ARG B 81 -18.23 15.72 17.11
CA ARG B 81 -18.92 16.31 15.96
C ARG B 81 -18.06 16.24 14.69
N ASN B 82 -16.73 16.32 14.84
CA ASN B 82 -15.77 16.33 13.75
C ASN B 82 -14.97 15.02 13.58
N ILE B 83 -15.46 13.93 14.16
CA ILE B 83 -14.84 12.61 14.03
C ILE B 83 -15.94 11.59 13.71
N ALA B 84 -15.74 10.80 12.62
CA ALA B 84 -16.67 9.72 12.27
C ALA B 84 -16.41 8.68 13.35
N THR B 85 -17.36 8.56 14.30
CA THR B 85 -17.26 7.72 15.49
C THR B 85 -16.92 6.26 15.17
N TYR B 86 -15.85 5.75 15.83
CA TYR B 86 -15.38 4.38 15.74
C TYR B 86 -16.23 3.56 16.71
N TYR B 87 -16.97 2.55 16.19
CA TYR B 87 -17.88 1.72 16.99
C TYR B 87 -17.24 0.46 17.58
N GLY B 88 -16.08 0.05 17.07
CA GLY B 88 -15.38 -1.11 17.58
C GLY B 88 -14.83 -2.05 16.52
N ALA B 89 -14.26 -3.17 16.99
CA ALA B 89 -13.66 -4.18 16.13
C ALA B 89 -14.31 -5.53 16.36
N PHE B 90 -14.54 -6.28 15.28
CA PHE B 90 -15.14 -7.62 15.35
C PHE B 90 -14.40 -8.61 14.46
N ILE B 91 -14.59 -9.91 14.71
CA ILE B 91 -14.01 -11.00 13.92
C ILE B 91 -15.09 -12.02 13.57
N LYS B 92 -15.33 -12.21 12.26
CA LYS B 92 -16.29 -13.19 11.76
C LYS B 92 -15.48 -14.44 11.44
N LYS B 93 -15.68 -15.48 12.27
CA LYS B 93 -14.94 -16.74 12.21
C LYS B 93 -15.14 -17.53 10.91
N SER B 94 -14.01 -17.87 10.30
CA SER B 94 -13.83 -18.68 9.09
C SER B 94 -13.37 -20.09 9.55
N PRO B 95 -13.51 -21.18 8.72
CA PRO B 95 -13.11 -22.52 9.20
C PRO B 95 -11.63 -22.67 9.61
N PRO B 96 -11.30 -23.58 10.59
CA PRO B 96 -9.89 -23.73 11.01
C PRO B 96 -8.94 -24.13 9.88
N GLY B 97 -8.19 -23.13 9.42
CA GLY B 97 -7.22 -23.24 8.33
C GLY B 97 -7.26 -22.02 7.43
N HIS B 98 -8.47 -21.42 7.31
CA HIS B 98 -8.76 -20.21 6.53
C HIS B 98 -8.62 -18.95 7.39
N ASP B 99 -8.20 -17.84 6.75
CA ASP B 99 -8.01 -16.53 7.38
C ASP B 99 -9.37 -15.91 7.73
N ASP B 100 -9.56 -15.57 9.02
CA ASP B 100 -10.79 -14.95 9.52
C ASP B 100 -10.88 -13.49 9.08
N GLN B 101 -12.09 -12.92 9.11
CA GLN B 101 -12.31 -11.54 8.67
C GLN B 101 -12.43 -10.59 9.83
N LEU B 102 -11.61 -9.53 9.81
CA LEU B 102 -11.61 -8.47 10.81
C LEU B 102 -12.51 -7.33 10.29
N TRP B 103 -13.52 -6.98 11.09
CA TRP B 103 -14.46 -5.91 10.76
C TRP B 103 -14.15 -4.71 11.66
N LEU B 104 -13.92 -3.54 11.07
CA LEU B 104 -13.66 -2.30 11.83
C LEU B 104 -14.81 -1.36 11.49
N VAL B 105 -15.73 -1.17 12.45
CA VAL B 105 -16.96 -0.40 12.28
C VAL B 105 -16.79 1.08 12.69
N MET B 106 -17.34 1.99 11.86
CA MET B 106 -17.30 3.44 12.00
C MET B 106 -18.61 4.10 11.51
N GLU B 107 -18.84 5.37 11.89
CA GLU B 107 -19.97 6.22 11.52
C GLU B 107 -20.00 6.44 9.99
N PHE B 108 -21.21 6.50 9.39
CA PHE B 108 -21.36 6.67 7.93
C PHE B 108 -21.49 8.13 7.52
N CYS B 109 -20.71 8.49 6.50
CA CYS B 109 -20.64 9.85 5.96
C CYS B 109 -21.03 9.77 4.48
N GLY B 110 -22.28 10.13 4.21
CA GLY B 110 -22.90 10.06 2.90
C GLY B 110 -22.37 10.91 1.76
N ALA B 111 -21.72 12.06 2.06
CA ALA B 111 -21.22 12.97 1.03
C ALA B 111 -19.85 12.59 0.47
N GLY B 112 -19.14 11.69 1.15
CA GLY B 112 -17.82 11.22 0.74
C GLY B 112 -16.65 12.04 1.27
N SER B 113 -15.47 11.85 0.66
CA SER B 113 -14.24 12.54 1.06
C SER B 113 -14.06 13.91 0.41
N ILE B 114 -13.09 14.70 0.93
CA ILE B 114 -12.70 16.02 0.43
C ILE B 114 -12.04 15.87 -0.95
N THR B 115 -11.31 14.76 -1.18
CA THR B 115 -10.66 14.46 -2.46
C THR B 115 -11.74 14.40 -3.55
N ASP B 116 -12.87 13.73 -3.24
CA ASP B 116 -14.05 13.59 -4.11
C ASP B 116 -14.72 14.95 -4.32
N LEU B 117 -14.65 15.83 -3.31
CA LEU B 117 -15.23 17.17 -3.36
C LEU B 117 -14.40 18.11 -4.23
N VAL B 118 -13.07 18.12 -4.07
CA VAL B 118 -12.16 18.97 -4.83
C VAL B 118 -12.02 18.49 -6.31
N LYS B 119 -12.09 17.17 -6.55
CA LYS B 119 -12.00 16.58 -7.89
C LYS B 119 -13.23 16.90 -8.73
N ASN B 120 -14.43 16.80 -8.11
CA ASN B 120 -15.70 17.11 -8.73
C ASN B 120 -16.04 18.61 -8.52
N THR B 121 -15.04 19.49 -8.82
CA THR B 121 -15.05 20.97 -8.74
C THR B 121 -14.15 21.50 -9.85
N LYS B 122 -14.62 22.53 -10.57
CA LYS B 122 -13.91 23.19 -11.68
C LYS B 122 -12.60 23.82 -11.23
N GLY B 123 -11.53 23.53 -11.95
CA GLY B 123 -10.19 24.03 -11.66
C GLY B 123 -9.46 23.32 -10.55
N ASN B 124 -10.10 22.25 -9.98
CA ASN B 124 -9.60 21.42 -8.87
C ASN B 124 -9.06 22.27 -7.72
N THR B 125 -9.86 23.28 -7.33
CA THR B 125 -9.54 24.23 -6.26
C THR B 125 -10.80 24.66 -5.53
N LEU B 126 -10.71 24.78 -4.20
CA LEU B 126 -11.83 25.19 -3.38
C LEU B 126 -11.67 26.67 -3.02
N LYS B 127 -12.80 27.34 -2.69
CA LYS B 127 -12.81 28.74 -2.28
C LYS B 127 -12.02 28.84 -0.96
N GLU B 128 -11.24 29.92 -0.79
CA GLU B 128 -10.41 30.13 0.41
C GLU B 128 -11.18 30.03 1.73
N ASP B 129 -12.45 30.48 1.75
CA ASP B 129 -13.30 30.40 2.94
C ASP B 129 -13.76 28.96 3.22
N TRP B 130 -13.89 28.13 2.15
CA TRP B 130 -14.27 26.70 2.25
C TRP B 130 -13.11 25.96 2.90
N ILE B 131 -11.86 26.29 2.49
CA ILE B 131 -10.61 25.72 3.02
C ILE B 131 -10.50 26.09 4.50
N ALA B 132 -10.85 27.35 4.85
CA ALA B 132 -10.85 27.85 6.23
C ALA B 132 -11.85 27.08 7.12
N TYR B 133 -13.05 26.77 6.59
CA TYR B 133 -14.08 26.03 7.32
C TYR B 133 -13.67 24.58 7.55
N ILE B 134 -13.26 23.87 6.47
CA ILE B 134 -12.84 22.48 6.52
C ILE B 134 -11.63 22.29 7.44
N SER B 135 -10.56 23.12 7.27
CA SER B 135 -9.33 23.07 8.08
C SER B 135 -9.61 23.23 9.57
N ARG B 136 -10.52 24.16 9.93
CA ARG B 136 -10.96 24.41 11.32
C ARG B 136 -11.63 23.17 11.89
N GLU B 137 -12.51 22.53 11.10
CA GLU B 137 -13.20 21.30 11.51
C GLU B 137 -12.23 20.13 11.70
N ILE B 138 -11.19 20.01 10.83
CA ILE B 138 -10.13 18.99 10.93
C ILE B 138 -9.38 19.24 12.23
N LEU B 139 -8.96 20.50 12.47
CA LEU B 139 -8.25 20.92 13.69
C LEU B 139 -9.06 20.64 14.94
N ARG B 140 -10.39 20.90 14.91
CA ARG B 140 -11.29 20.64 16.03
C ARG B 140 -11.36 19.15 16.34
N GLY B 141 -11.41 18.32 15.30
CA GLY B 141 -11.41 16.87 15.41
C GLY B 141 -10.09 16.37 15.96
N LEU B 142 -8.96 16.94 15.45
CA LEU B 142 -7.60 16.60 15.90
C LEU B 142 -7.38 17.00 17.37
N ALA B 143 -7.94 18.16 17.79
CA ALA B 143 -7.82 18.69 19.15
C ALA B 143 -8.41 17.71 20.15
N HIS B 144 -9.56 17.11 19.83
CA HIS B 144 -10.23 16.11 20.66
C HIS B 144 -9.38 14.84 20.83
N LEU B 145 -8.71 14.40 19.75
CA LEU B 145 -7.84 13.22 19.78
C LEU B 145 -6.57 13.49 20.56
N HIS B 146 -5.94 14.66 20.34
CA HIS B 146 -4.69 15.05 20.98
C HIS B 146 -4.82 15.24 22.50
N ILE B 147 -5.92 15.87 22.97
CA ILE B 147 -6.19 16.05 24.40
C ILE B 147 -6.42 14.68 25.08
N HIS B 148 -6.80 13.68 24.26
CA HIS B 148 -7.02 12.30 24.67
C HIS B 148 -5.83 11.39 24.34
N HIS B 149 -4.63 12.02 24.13
CA HIS B 149 -3.32 11.37 23.87
C HIS B 149 -3.32 10.43 22.65
N VAL B 150 -4.05 10.79 21.57
CA VAL B 150 -4.19 9.99 20.36
C VAL B 150 -3.72 10.75 19.12
N ILE B 151 -2.75 10.18 18.38
CA ILE B 151 -2.26 10.75 17.11
C ILE B 151 -3.08 10.08 16.01
N HIS B 152 -3.63 10.87 15.07
CA HIS B 152 -4.42 10.33 13.95
C HIS B 152 -3.54 9.54 13.00
N ARG B 153 -2.36 10.09 12.66
CA ARG B 153 -1.28 9.51 11.84
C ARG B 153 -1.56 9.47 10.34
N ASP B 154 -2.82 9.62 9.89
CA ASP B 154 -3.06 9.60 8.44
C ASP B 154 -4.00 10.70 7.98
N ILE B 155 -3.62 11.96 8.27
CA ILE B 155 -4.41 13.10 7.82
C ILE B 155 -4.07 13.39 6.35
N LYS B 156 -5.12 13.41 5.51
CA LYS B 156 -5.13 13.67 4.06
C LYS B 156 -6.60 13.92 3.62
N GLY B 157 -6.79 14.41 2.40
CA GLY B 157 -8.10 14.70 1.83
C GLY B 157 -9.04 13.51 1.82
N GLN B 158 -8.51 12.33 1.43
CA GLN B 158 -9.24 11.07 1.36
C GLN B 158 -9.72 10.57 2.73
N ASN B 159 -9.03 10.96 3.82
CA ASN B 159 -9.40 10.55 5.18
C ASN B 159 -10.22 11.60 5.94
N VAL B 160 -10.62 12.68 5.24
CA VAL B 160 -11.44 13.74 5.80
C VAL B 160 -12.77 13.65 5.05
N LEU B 161 -13.84 13.27 5.78
CA LEU B 161 -15.16 13.05 5.20
C LEU B 161 -16.21 14.13 5.47
N LEU B 162 -17.23 14.16 4.61
CA LEU B 162 -18.37 15.06 4.67
C LEU B 162 -19.66 14.24 4.82
N THR B 163 -20.66 14.78 5.53
CA THR B 163 -21.98 14.14 5.65
C THR B 163 -22.95 14.93 4.74
N GLU B 164 -24.21 14.46 4.60
CA GLU B 164 -25.23 15.10 3.77
C GLU B 164 -25.50 16.56 4.19
N ASN B 165 -25.38 16.79 5.51
CA ASN B 165 -25.57 18.02 6.26
C ASN B 165 -24.30 18.92 6.24
N ALA B 166 -23.33 18.59 5.34
CA ALA B 166 -22.03 19.27 5.14
C ALA B 166 -21.15 19.34 6.40
N GLU B 167 -21.25 18.31 7.24
CA GLU B 167 -20.48 18.18 8.48
C GLU B 167 -19.16 17.50 8.16
N VAL B 168 -18.05 18.04 8.66
CA VAL B 168 -16.72 17.49 8.43
C VAL B 168 -16.38 16.49 9.56
N LYS B 169 -16.04 15.24 9.19
CA LYS B 169 -15.71 14.18 10.14
C LYS B 169 -14.47 13.40 9.73
N LEU B 170 -13.55 13.18 10.68
CA LEU B 170 -12.31 12.45 10.45
C LEU B 170 -12.53 10.93 10.51
N VAL B 171 -11.88 10.19 9.59
CA VAL B 171 -11.91 8.74 9.49
C VAL B 171 -11.30 8.14 10.77
N ASP B 172 -12.00 7.19 11.42
CA ASP B 172 -11.50 6.54 12.63
C ASP B 172 -11.88 5.05 12.70
N PHE B 173 -10.91 4.18 12.39
CA PHE B 173 -11.04 2.73 12.48
C PHE B 173 -10.08 2.25 13.60
N GLY B 174 -10.11 3.00 14.71
CA GLY B 174 -9.27 2.75 15.87
C GLY B 174 -7.87 3.32 15.68
N VAL B 175 -7.80 4.66 15.43
CA VAL B 175 -6.55 5.40 15.19
C VAL B 175 -5.58 5.34 16.38
N SER B 176 -6.14 5.11 17.59
CA SER B 176 -5.45 4.98 18.87
C SER B 176 -4.52 3.75 18.91
N ALA B 177 -4.93 2.67 18.25
CA ALA B 177 -4.16 1.42 18.18
C ALA B 177 -3.61 1.16 16.77
N GLN B 178 -4.19 1.82 15.74
CA GLN B 178 -3.83 1.73 14.32
C GLN B 178 -4.02 0.32 13.78
N LEU B 179 -5.15 -0.32 14.13
CA LEU B 179 -5.53 -1.68 13.75
C LEU B 179 -5.69 -1.84 12.24
N ASP B 180 -6.17 -0.79 11.56
CA ASP B 180 -6.35 -0.79 10.10
C ASP B 180 -5.02 -0.66 9.32
N ARG B 181 -3.87 -0.61 10.02
CA ARG B 181 -2.54 -0.47 9.41
C ARG B 181 -1.45 -1.41 9.97
N THR B 182 -1.71 -2.05 11.13
CA THR B 182 -0.77 -2.96 11.79
C THR B 182 -0.85 -4.39 11.27
N VAL B 183 -2.08 -4.87 10.99
CA VAL B 183 -2.35 -6.22 10.51
C VAL B 183 -2.74 -6.22 9.02
N GLY B 184 -2.65 -7.38 8.39
CA GLY B 184 -2.96 -7.54 6.98
C GLY B 184 -1.74 -7.60 6.10
N ARG B 185 -1.94 -7.77 4.78
CA ARG B 185 -0.86 -7.88 3.80
C ARG B 185 -0.14 -6.55 3.54
N ARG B 186 -0.91 -5.44 3.47
CA ARG B 186 -0.40 -4.08 3.20
C ARG B 186 0.27 -3.40 4.42
N ASN B 187 0.43 -4.13 5.56
CA ASN B 187 1.03 -3.58 6.78
C ASN B 187 2.53 -3.27 6.63
N THR B 188 3.26 -4.18 5.94
CA THR B 188 4.70 -4.11 5.64
C THR B 188 5.02 -3.12 4.51
N PHE B 189 3.97 -2.50 3.94
CA PHE B 189 4.07 -1.53 2.85
C PHE B 189 4.20 -0.13 3.43
N ILE B 190 5.03 0.70 2.77
CA ILE B 190 5.16 2.11 3.08
C ILE B 190 4.16 2.68 2.08
N GLY B 191 3.09 3.25 2.59
CA GLY B 191 2.04 3.83 1.76
C GLY B 191 2.40 5.13 1.07
N THR B 192 1.40 5.99 0.82
CA THR B 192 1.61 7.28 0.16
C THR B 192 2.43 8.24 1.07
N PRO B 193 3.52 8.84 0.54
CA PRO B 193 4.39 9.67 1.39
C PRO B 193 4.09 11.17 1.47
N TYR B 194 3.35 11.71 0.49
CA TYR B 194 3.07 13.13 0.25
C TYR B 194 2.50 13.93 1.45
N TRP B 195 1.79 13.29 2.38
CA TRP B 195 1.21 14.00 3.53
C TRP B 195 2.02 13.83 4.81
N MET B 196 3.09 13.00 4.75
CA MET B 196 3.98 12.68 5.86
C MET B 196 4.82 13.88 6.28
N ALA B 197 4.95 14.06 7.60
CA ALA B 197 5.75 15.12 8.18
C ALA B 197 7.25 14.73 8.07
N PRO B 198 8.22 15.69 8.05
CA PRO B 198 9.65 15.30 7.95
C PRO B 198 10.13 14.32 9.01
N GLU B 199 9.65 14.46 10.28
CA GLU B 199 10.03 13.61 11.41
C GLU B 199 9.59 12.14 11.28
N VAL B 200 8.47 11.86 10.57
CA VAL B 200 7.98 10.48 10.40
C VAL B 200 8.81 9.72 9.34
N ILE B 201 9.66 10.44 8.58
CA ILE B 201 10.57 9.87 7.58
C ILE B 201 11.97 9.80 8.20
N ALA B 202 12.56 8.60 8.22
CA ALA B 202 13.88 8.35 8.78
C ALA B 202 15.03 8.86 7.89
N CYS B 203 15.98 9.58 8.52
CA CYS B 203 17.18 10.14 7.89
C CYS B 203 18.43 9.96 8.78
N ASP B 204 19.59 10.55 8.39
CA ASP B 204 20.84 10.42 9.14
C ASP B 204 20.78 10.98 10.59
N GLU B 205 20.16 12.16 10.78
CA GLU B 205 20.01 12.74 12.12
C GLU B 205 18.56 12.64 12.63
N ASN B 206 17.90 11.55 12.23
CA ASN B 206 16.57 11.10 12.60
C ASN B 206 16.55 9.58 12.25
N PRO B 207 17.46 8.75 12.84
CA PRO B 207 17.46 7.32 12.48
C PRO B 207 16.17 6.57 12.84
N ASP B 208 15.50 7.00 13.92
CA ASP B 208 14.24 6.44 14.39
C ASP B 208 13.17 7.50 14.15
N ALA B 209 12.13 7.17 13.37
CA ALA B 209 11.02 8.08 13.06
C ALA B 209 10.23 8.38 14.33
N THR B 210 10.24 9.67 14.74
CA THR B 210 9.55 10.14 15.95
C THR B 210 8.14 10.60 15.64
N TYR B 211 7.14 9.94 16.24
CA TYR B 211 5.73 10.29 16.04
C TYR B 211 5.18 11.15 17.19
N ASP B 212 5.02 12.45 16.90
CA ASP B 212 4.47 13.49 17.80
C ASP B 212 3.05 13.82 17.33
N TYR B 213 2.23 14.42 18.20
CA TYR B 213 0.85 14.84 17.87
C TYR B 213 0.87 15.92 16.78
N ARG B 214 1.95 16.73 16.73
CA ARG B 214 2.18 17.82 15.79
C ARG B 214 2.41 17.35 14.35
N SER B 215 2.68 16.03 14.15
CA SER B 215 2.84 15.44 12.82
C SER B 215 1.55 15.57 12.02
N ASP B 216 0.38 15.49 12.71
CA ASP B 216 -0.96 15.63 12.14
C ASP B 216 -1.18 17.04 11.62
N LEU B 217 -0.54 18.05 12.27
CA LEU B 217 -0.65 19.45 11.89
C LEU B 217 0.07 19.75 10.59
N TRP B 218 1.23 19.09 10.33
CA TRP B 218 1.95 19.18 9.06
C TRP B 218 1.03 18.59 7.98
N SER B 219 0.44 17.41 8.28
CA SER B 219 -0.48 16.69 7.40
C SER B 219 -1.72 17.54 7.10
N CYS B 220 -2.21 18.29 8.10
CA CYS B 220 -3.36 19.21 7.99
C CYS B 220 -3.03 20.38 7.03
N GLY B 221 -1.78 20.87 7.09
CA GLY B 221 -1.27 21.92 6.23
C GLY B 221 -1.09 21.48 4.79
N ILE B 222 -0.73 20.18 4.58
CA ILE B 222 -0.59 19.58 3.25
C ILE B 222 -2.00 19.38 2.66
N THR B 223 -2.99 19.05 3.53
CA THR B 223 -4.40 18.87 3.14
C THR B 223 -4.98 20.22 2.67
N ALA B 224 -4.54 21.33 3.29
CA ALA B 224 -4.97 22.67 2.91
C ALA B 224 -4.42 23.03 1.52
N ILE B 225 -3.16 22.61 1.21
CA ILE B 225 -2.56 22.81 -0.12
C ILE B 225 -3.32 21.92 -1.12
N GLU B 226 -3.74 20.70 -0.69
CA GLU B 226 -4.53 19.75 -1.48
C GLU B 226 -5.90 20.34 -1.83
N MET B 227 -6.51 21.09 -0.90
CA MET B 227 -7.81 21.73 -1.14
C MET B 227 -7.65 22.94 -2.06
N ALA B 228 -6.50 23.62 -1.99
CA ALA B 228 -6.19 24.81 -2.77
C ALA B 228 -5.66 24.54 -4.18
N GLU B 229 -4.99 23.38 -4.40
CA GLU B 229 -4.39 23.05 -5.68
C GLU B 229 -4.91 21.75 -6.32
N GLY B 230 -5.63 20.95 -5.53
CA GLY B 230 -6.20 19.67 -5.97
C GLY B 230 -5.35 18.46 -5.61
N ALA B 231 -4.04 18.67 -5.53
CA ALA B 231 -3.04 17.63 -5.25
C ALA B 231 -2.02 18.13 -4.21
N PRO B 232 -1.38 17.22 -3.43
CA PRO B 232 -0.39 17.68 -2.44
C PRO B 232 0.93 18.11 -3.08
N PRO B 233 1.84 18.85 -2.38
CA PRO B 233 3.12 19.21 -2.99
C PRO B 233 3.94 17.97 -3.34
N LEU B 234 4.71 18.04 -4.45
CA LEU B 234 5.57 16.98 -4.99
C LEU B 234 4.78 15.79 -5.59
N CYS B 235 3.47 15.96 -5.87
CA CYS B 235 2.59 14.94 -6.47
C CYS B 235 3.15 14.38 -7.80
N ASP B 236 3.70 15.28 -8.63
CA ASP B 236 4.32 15.02 -9.94
C ASP B 236 5.62 14.20 -9.86
N MET B 237 6.00 13.71 -8.67
CA MET B 237 7.23 12.96 -8.45
C MET B 237 6.99 11.53 -8.02
N HIS B 238 8.03 10.68 -8.18
CA HIS B 238 7.99 9.28 -7.75
C HIS B 238 7.91 9.27 -6.21
N PRO B 239 7.04 8.42 -5.61
CA PRO B 239 6.91 8.41 -4.14
C PRO B 239 8.23 8.27 -3.37
N MET B 240 9.22 7.55 -3.94
CA MET B 240 10.53 7.36 -3.31
C MET B 240 11.35 8.64 -3.31
N ARG B 241 11.22 9.46 -4.38
CA ARG B 241 11.92 10.75 -4.51
C ARG B 241 11.26 11.79 -3.60
N ALA B 242 9.90 11.76 -3.48
CA ALA B 242 9.12 12.64 -2.62
C ALA B 242 9.52 12.39 -1.17
N LEU B 243 9.59 11.10 -0.76
CA LEU B 243 9.98 10.65 0.56
C LEU B 243 11.40 11.12 0.91
N PHE B 244 12.27 11.22 -0.10
CA PHE B 244 13.64 11.69 0.04
C PHE B 244 13.68 13.22 0.18
N LEU B 245 12.83 13.94 -0.58
CA LEU B 245 12.82 15.39 -0.57
C LEU B 245 12.11 16.03 0.62
N ILE B 246 10.97 15.50 1.10
CA ILE B 246 10.22 16.06 2.23
C ILE B 246 11.16 16.47 3.40
N PRO B 247 12.07 15.62 3.94
CA PRO B 247 12.91 16.06 5.06
C PRO B 247 14.08 16.98 4.69
N ARG B 248 14.36 17.18 3.39
CA ARG B 248 15.45 18.03 2.89
C ARG B 248 14.98 19.39 2.38
N ASN B 249 13.90 19.39 1.58
CA ASN B 249 13.31 20.58 0.99
C ASN B 249 12.76 21.59 2.02
N PRO B 250 12.86 22.91 1.75
CA PRO B 250 12.26 23.90 2.67
C PRO B 250 10.73 23.70 2.78
N PRO B 251 10.04 24.25 3.80
CA PRO B 251 8.58 24.05 3.89
C PRO B 251 7.84 24.36 2.59
N PRO B 252 6.95 23.46 2.14
CA PRO B 252 6.19 23.71 0.90
C PRO B 252 5.37 25.00 0.94
N ARG B 253 5.23 25.65 -0.23
CA ARG B 253 4.50 26.89 -0.41
C ARG B 253 3.38 26.72 -1.44
N LEU B 254 2.39 27.63 -1.44
CA LEU B 254 1.30 27.63 -2.41
C LEU B 254 1.84 28.24 -3.71
N LYS B 255 1.53 27.61 -4.87
CA LYS B 255 1.99 28.05 -6.19
C LYS B 255 1.46 29.45 -6.56
N SER B 256 0.14 29.66 -6.43
CA SER B 256 -0.55 30.89 -6.77
C SER B 256 -0.37 31.99 -5.72
N LYS B 257 -0.30 33.26 -6.20
CA LYS B 257 -0.15 34.47 -5.38
C LYS B 257 -1.52 35.06 -4.99
N LYS B 258 -2.61 34.54 -5.59
CA LYS B 258 -3.99 34.97 -5.36
C LYS B 258 -4.47 34.87 -3.91
N TRP B 259 -3.95 33.88 -3.16
CA TRP B 259 -4.31 33.59 -1.77
C TRP B 259 -4.00 34.74 -0.82
N SER B 260 -4.79 34.84 0.26
CA SER B 260 -4.66 35.89 1.28
C SER B 260 -3.42 35.68 2.13
N LYS B 261 -2.97 36.78 2.76
CA LYS B 261 -1.82 36.77 3.67
C LYS B 261 -2.09 35.88 4.89
N LYS B 262 -3.38 35.73 5.28
CA LYS B 262 -3.84 34.87 6.36
C LYS B 262 -3.63 33.40 6.01
N PHE B 263 -3.93 33.02 4.74
CA PHE B 263 -3.80 31.65 4.24
C PHE B 263 -2.34 31.23 4.15
N PHE B 264 -1.46 32.12 3.63
CA PHE B 264 -0.02 31.84 3.54
C PHE B 264 0.58 31.62 4.94
N SER B 265 0.16 32.46 5.92
CA SER B 265 0.59 32.39 7.32
C SER B 265 0.17 31.06 7.97
N PHE B 266 -1.04 30.56 7.65
CA PHE B 266 -1.58 29.30 8.16
C PHE B 266 -0.76 28.13 7.63
N ILE B 267 -0.48 28.11 6.31
CA ILE B 267 0.34 27.10 5.64
C ILE B 267 1.71 27.07 6.31
N GLU B 268 2.33 28.27 6.48
CA GLU B 268 3.61 28.49 7.14
C GLU B 268 3.58 27.94 8.57
N GLY B 269 2.48 28.21 9.29
CA GLY B 269 2.25 27.75 10.66
C GLY B 269 2.19 26.25 10.78
N CYS B 270 1.46 25.60 9.84
CA CYS B 270 1.32 24.15 9.80
C CYS B 270 2.62 23.45 9.38
N LEU B 271 3.27 24.01 8.35
CA LEU B 271 4.44 23.40 7.76
C LEU B 271 5.76 23.94 8.33
N VAL B 272 5.97 23.75 9.64
CA VAL B 272 7.22 24.14 10.30
C VAL B 272 8.08 22.88 10.22
N LYS B 273 9.19 22.93 9.47
CA LYS B 273 10.08 21.79 9.26
C LYS B 273 10.39 21.00 10.54
N ASN B 274 10.92 21.68 11.58
CA ASN B 274 11.23 21.05 12.87
C ASN B 274 9.98 21.00 13.70
N TYR B 275 9.51 19.79 14.04
CA TYR B 275 8.28 19.58 14.83
C TYR B 275 8.36 20.19 16.23
N MET B 276 9.59 20.31 16.79
CA MET B 276 9.85 20.90 18.12
C MET B 276 9.43 22.36 18.18
N GLN B 277 9.49 23.04 17.01
CA GLN B 277 9.17 24.44 16.79
C GLN B 277 7.85 24.65 16.00
N ARG B 278 6.99 23.61 15.95
CA ARG B 278 5.69 23.67 15.25
C ARG B 278 4.60 23.99 16.28
N PRO B 279 3.60 24.86 15.96
CA PRO B 279 2.57 25.20 16.95
C PRO B 279 1.66 24.02 17.27
N SER B 280 0.99 24.07 18.43
CA SER B 280 0.04 23.05 18.86
C SER B 280 -1.29 23.24 18.10
N THR B 281 -2.19 22.26 18.24
CA THR B 281 -3.53 22.27 17.63
C THR B 281 -4.31 23.48 18.17
N GLU B 282 -4.16 23.79 19.48
CA GLU B 282 -4.80 24.93 20.13
C GLU B 282 -4.29 26.27 19.59
N GLN B 283 -2.96 26.38 19.39
CA GLN B 283 -2.31 27.57 18.83
C GLN B 283 -2.78 27.80 17.39
N LEU B 284 -2.91 26.72 16.59
CA LEU B 284 -3.39 26.79 15.21
C LEU B 284 -4.89 27.09 15.11
N LEU B 285 -5.67 26.74 16.15
CA LEU B 285 -7.12 27.02 16.20
C LEU B 285 -7.35 28.52 16.44
N LYS B 286 -6.36 29.19 17.06
CA LYS B 286 -6.37 30.62 17.35
C LYS B 286 -5.79 31.46 16.18
N HIS B 287 -5.29 30.79 15.11
CA HIS B 287 -4.73 31.46 13.94
C HIS B 287 -5.83 32.24 13.21
N PRO B 288 -5.58 33.52 12.80
CA PRO B 288 -6.63 34.31 12.13
C PRO B 288 -7.37 33.62 10.99
N PHE B 289 -6.69 32.77 10.20
CA PHE B 289 -7.31 32.03 9.08
C PHE B 289 -8.38 31.03 9.57
N ILE B 290 -8.21 30.50 10.80
CA ILE B 290 -9.10 29.52 11.44
C ILE B 290 -10.12 30.20 12.37
N ARG B 291 -9.63 31.13 13.21
CA ARG B 291 -10.40 31.90 14.20
C ARG B 291 -11.38 32.90 13.55
N ASP B 292 -10.88 33.76 12.63
CA ASP B 292 -11.69 34.77 11.95
C ASP B 292 -12.41 34.21 10.70
N GLN B 293 -13.66 33.76 10.88
CA GLN B 293 -14.49 33.21 9.81
C GLN B 293 -15.86 33.93 9.75
N PRO B 294 -15.96 35.09 9.05
CA PRO B 294 -17.23 35.82 8.99
C PRO B 294 -18.35 35.17 8.16
N ASN B 295 -17.98 34.39 7.13
CA ASN B 295 -18.93 33.74 6.22
C ASN B 295 -19.25 32.29 6.60
N GLU B 296 -18.99 31.91 7.87
CA GLU B 296 -19.21 30.58 8.47
C GLU B 296 -20.54 29.91 8.07
N ARG B 297 -21.67 30.62 8.24
CA ARG B 297 -23.01 30.11 7.91
C ARG B 297 -23.20 30.00 6.40
N GLN B 298 -22.76 31.03 5.64
CA GLN B 298 -22.88 31.08 4.17
C GLN B 298 -22.07 29.97 3.48
N VAL B 299 -20.88 29.66 4.02
CA VAL B 299 -19.97 28.62 3.51
C VAL B 299 -20.59 27.23 3.77
N ARG B 300 -21.22 27.06 4.95
CA ARG B 300 -21.91 25.83 5.36
C ARG B 300 -23.05 25.51 4.40
N ILE B 301 -23.78 26.54 3.93
CA ILE B 301 -24.88 26.43 2.98
C ILE B 301 -24.31 26.15 1.57
N GLN B 302 -23.22 26.87 1.19
CA GLN B 302 -22.52 26.70 -0.10
C GLN B 302 -22.02 25.27 -0.30
N LEU B 303 -21.48 24.66 0.78
CA LEU B 303 -20.99 23.28 0.79
C LEU B 303 -22.15 22.29 0.72
N LYS B 304 -23.28 22.59 1.42
CA LYS B 304 -24.49 21.77 1.43
C LYS B 304 -25.11 21.75 0.02
N ASP B 305 -25.09 22.90 -0.69
CA ASP B 305 -25.59 23.05 -2.05
C ASP B 305 -24.77 22.22 -3.03
N HIS B 306 -23.42 22.24 -2.87
CA HIS B 306 -22.46 21.52 -3.68
C HIS B 306 -22.65 20.00 -3.61
N ILE B 307 -23.02 19.47 -2.42
CA ILE B 307 -23.26 18.03 -2.19
C ILE B 307 -24.49 17.56 -2.97
N ASP B 308 -25.61 18.32 -2.87
CA ASP B 308 -26.87 18.01 -3.54
C ASP B 308 -26.77 18.00 -5.06
N ARG B 309 -26.15 19.03 -5.67
CA ARG B 309 -26.02 19.11 -7.14
C ARG B 309 -25.11 18.01 -7.73
N THR B 310 -24.13 17.50 -6.95
CA THR B 310 -23.24 16.42 -7.38
C THR B 310 -24.00 15.09 -7.34
N ARG B 311 -24.86 14.91 -6.33
CA ARG B 311 -25.70 13.73 -6.09
C ARG B 311 -26.68 13.43 -7.25
N LYS B 312 -27.34 14.47 -7.80
CA LYS B 312 -28.34 14.32 -8.87
C LYS B 312 -27.75 13.76 -10.17
#